data_5N70
#
_entry.id   5N70
#
_cell.length_a   63.925
_cell.length_b   63.925
_cell.length_c   80.496
_cell.angle_alpha   90.00
_cell.angle_beta   90.00
_cell.angle_gamma   90.00
#
_symmetry.space_group_name_H-M   'P 41'
#
loop_
_entity.id
_entity.type
_entity.pdbx_description
1 polymer 'Putative cathepsin d'
2 polymer ALA-PHE-ARG-ILE-PRO-LEU-THR-ARG
3 water water
#
loop_
_entity_poly.entity_id
_entity_poly.type
_entity_poly.pdbx_seq_one_letter_code
_entity_poly.pdbx_strand_id
1 'polypeptide(L)'
;IHEGPYPEPLVNLLDVVYYGPISIGTPPQDFQVIFDTGSANLWLPSSKCTTKYCLHHHRYDSSKSSTYEADGRNFTIVYG
SGNVEGFISKDVCRIGSAKVSGQPLGEALVVGGESLLEAPFDGILGLAYPSIAVDGVVPVFDNMMKQGLLGEQNVFSVYL
NRDPSSKEGGEVLFGGIDHDHYKGSITYVPVTAKGYWQFHVDGVKSVSASKSAPELLCKDGCEAIANTGTSLITGPPEEV
DSLNQYLGGTKTEGGQYLLDCDKLESLPNVTFTISGKEFSLRSKDYVLKVNQQGQTLCVSGFMGLEMPQPLWILGDVFLG
PYYTIFDRDQDRVGFAEVAHHHHHH
;
A
2 'polypeptide(L)' AFRIPLTR B
#
# COMPACT_ATOMS: atom_id res chain seq x y z
N ILE A 1 0.78 -4.21 -2.62
CA ILE A 1 1.72 -5.17 -3.27
C ILE A 1 1.84 -4.67 -4.67
N HIS A 2 3.04 -4.22 -5.03
CA HIS A 2 3.21 -3.53 -6.29
C HIS A 2 3.12 -4.50 -7.47
N GLU A 3 2.54 -4.04 -8.57
CA GLU A 3 2.43 -4.92 -9.74
C GLU A 3 3.72 -4.89 -10.55
N GLY A 4 4.01 -6.03 -11.17
CA GLY A 4 5.21 -6.20 -12.00
C GLY A 4 6.09 -7.30 -11.43
N PRO A 5 6.94 -7.91 -12.27
CA PRO A 5 7.92 -8.88 -11.79
C PRO A 5 9.06 -8.15 -11.06
N TYR A 6 9.61 -8.78 -10.03
CA TYR A 6 10.79 -8.23 -9.32
C TYR A 6 11.45 -9.34 -8.46
N PRO A 7 12.70 -9.11 -7.99
CA PRO A 7 13.35 -10.13 -7.14
C PRO A 7 12.52 -10.52 -5.91
N GLU A 8 12.67 -11.76 -5.47
CA GLU A 8 12.13 -12.21 -4.19
C GLU A 8 12.91 -11.42 -3.14
N PRO A 9 12.22 -10.76 -2.18
CA PRO A 9 12.94 -10.13 -1.08
C PRO A 9 13.24 -11.13 0.02
N LEU A 10 14.23 -10.82 0.86
CA LEU A 10 14.59 -11.72 1.95
C LEU A 10 13.42 -11.91 2.93
N VAL A 11 12.90 -10.80 3.43
CA VAL A 11 11.81 -10.85 4.40
C VAL A 11 10.47 -10.59 3.68
N ASN A 12 9.51 -11.45 4.04
CA ASN A 12 8.16 -11.41 3.54
C ASN A 12 7.35 -10.72 4.62
N LEU A 13 6.87 -9.53 4.28
CA LEU A 13 6.14 -8.68 5.17
C LEU A 13 4.64 -8.76 4.93
N LEU A 14 4.16 -9.82 4.29
CA LEU A 14 2.69 -9.93 4.00
C LEU A 14 1.88 -9.94 5.27
N ASP A 15 2.44 -10.56 6.32
CA ASP A 15 1.88 -10.56 7.65
C ASP A 15 1.57 -9.17 8.24
N VAL A 16 2.33 -8.15 7.84
CA VAL A 16 2.15 -6.80 8.39
C VAL A 16 1.50 -5.80 7.40
N VAL A 17 1.04 -6.27 6.22
CA VAL A 17 0.19 -5.43 5.34
C VAL A 17 -1.09 -5.10 6.08
N TYR A 18 -1.68 -3.98 5.73
CA TYR A 18 -2.89 -3.57 6.36
C TYR A 18 -4.08 -4.02 5.48
N TYR A 19 -5.07 -4.65 6.09
CA TYR A 19 -6.23 -5.12 5.35
C TYR A 19 -7.50 -4.89 6.12
N GLY A 20 -8.63 -4.98 5.43
CA GLY A 20 -9.95 -4.77 6.06
C GLY A 20 -11.12 -5.48 5.40
N PRO A 21 -12.27 -5.47 6.07
CA PRO A 21 -13.43 -6.25 5.57
C PRO A 21 -14.21 -5.56 4.46
N ILE A 22 -14.66 -6.37 3.50
CA ILE A 22 -15.68 -5.98 2.59
C ILE A 22 -16.64 -7.19 2.42
N SER A 23 -17.76 -6.96 1.75
CA SER A 23 -18.56 -8.07 1.33
C SER A 23 -19.01 -7.89 -0.11
N ILE A 24 -19.22 -9.02 -0.73
CA ILE A 24 -19.69 -9.08 -2.09
C ILE A 24 -20.99 -9.95 -2.18
N GLY A 25 -21.90 -9.47 -3.01
CA GLY A 25 -23.09 -10.28 -3.38
C GLY A 25 -24.22 -10.26 -2.39
N THR A 26 -25.28 -10.95 -2.79
CA THR A 26 -26.56 -10.93 -2.10
C THR A 26 -27.01 -12.39 -1.89
N PRO A 27 -27.02 -12.92 -0.65
CA PRO A 27 -26.62 -12.22 0.55
C PRO A 27 -25.08 -12.06 0.62
N PRO A 28 -24.60 -11.25 1.56
CA PRO A 28 -23.17 -10.88 1.56
C PRO A 28 -22.26 -12.05 1.80
N GLN A 29 -21.20 -12.21 0.99
CA GLN A 29 -20.15 -13.12 1.28
C GLN A 29 -18.97 -12.25 1.73
N ASP A 30 -18.36 -12.63 2.84
CA ASP A 30 -17.33 -11.77 3.47
C ASP A 30 -15.92 -12.08 3.05
N PHE A 31 -15.13 -11.00 2.91
CA PHE A 31 -13.72 -11.11 2.58
C PHE A 31 -12.89 -10.11 3.36
N GLN A 32 -11.59 -10.32 3.31
CA GLN A 32 -10.61 -9.37 3.78
C GLN A 32 -9.73 -9.00 2.62
N VAL A 33 -9.51 -7.70 2.45
CA VAL A 33 -8.71 -7.23 1.34
C VAL A 33 -7.74 -6.17 1.76
N ILE A 34 -6.63 -6.07 1.02
CA ILE A 34 -5.78 -4.92 1.15
C ILE A 34 -6.48 -3.79 0.48
N PHE A 35 -6.59 -2.67 1.18
CA PHE A 35 -6.98 -1.38 0.60
C PHE A 35 -5.70 -0.70 0.08
N ASP A 36 -5.52 -0.81 -1.24
CA ASP A 36 -4.21 -0.61 -1.89
C ASP A 36 -4.24 0.59 -2.85
N THR A 37 -3.65 1.71 -2.44
CA THR A 37 -3.62 2.89 -3.29
C THR A 37 -2.60 2.78 -4.42
N GLY A 38 -1.81 1.72 -4.42
CA GLY A 38 -0.86 1.42 -5.50
C GLY A 38 -1.38 0.59 -6.64
N SER A 39 -2.67 0.25 -6.62
CA SER A 39 -3.28 -0.46 -7.73
C SER A 39 -4.73 -0.09 -7.89
N ALA A 40 -5.33 -0.51 -8.98
CA ALA A 40 -6.72 -0.09 -9.29
C ALA A 40 -7.70 -1.20 -9.51
N ASN A 41 -7.24 -2.46 -9.34
CA ASN A 41 -8.08 -3.57 -9.54
C ASN A 41 -8.68 -4.07 -8.21
N LEU A 42 -9.85 -4.68 -8.33
CA LEU A 42 -10.45 -5.45 -7.26
C LEU A 42 -10.43 -6.91 -7.68
N TRP A 43 -9.87 -7.77 -6.83
CA TRP A 43 -10.01 -9.19 -7.09
C TRP A 43 -10.11 -10.01 -5.84
N LEU A 44 -10.78 -11.16 -5.97
CA LEU A 44 -10.90 -12.15 -4.91
C LEU A 44 -10.75 -13.56 -5.45
N PRO A 45 -10.34 -14.51 -4.58
CA PRO A 45 -10.37 -15.91 -4.99
C PRO A 45 -11.73 -16.35 -5.41
N SER A 46 -11.79 -17.05 -6.54
CA SER A 46 -13.02 -17.62 -7.04
C SER A 46 -13.30 -18.97 -6.40
N SER A 47 -14.58 -19.30 -6.25
CA SER A 47 -14.93 -20.67 -5.84
C SER A 47 -14.59 -21.70 -6.94
N LYS A 48 -14.39 -21.25 -8.18
CA LYS A 48 -13.92 -22.12 -9.23
C LYS A 48 -12.42 -22.39 -9.13
N CYS A 49 -11.67 -21.69 -8.25
CA CYS A 49 -10.20 -21.85 -8.13
C CYS A 49 -9.90 -22.94 -7.13
N THR A 50 -8.97 -23.82 -7.49
CA THR A 50 -8.62 -24.93 -6.58
C THR A 50 -7.14 -24.94 -6.25
N THR A 51 -6.42 -23.85 -6.56
CA THR A 51 -5.02 -23.75 -6.17
C THR A 51 -4.91 -23.71 -4.63
N LYS A 52 -3.70 -23.92 -4.13
CA LYS A 52 -3.44 -23.89 -2.68
C LYS A 52 -3.84 -22.56 -2.01
N TYR A 53 -3.49 -21.45 -2.66
CA TYR A 53 -3.90 -20.13 -2.14
C TYR A 53 -5.40 -20.09 -2.01
N CYS A 54 -6.12 -20.51 -3.06
CA CYS A 54 -7.59 -20.38 -3.05
C CYS A 54 -8.28 -21.22 -2.00
N LEU A 55 -7.83 -22.45 -1.85
CA LEU A 55 -8.37 -23.32 -0.84
C LEU A 55 -8.11 -22.87 0.62
N HIS A 56 -7.08 -22.05 0.87
CA HIS A 56 -6.83 -21.51 2.22
C HIS A 56 -7.47 -20.15 2.46
N HIS A 57 -8.17 -19.64 1.47
CA HIS A 57 -8.79 -18.34 1.57
C HIS A 57 -10.31 -18.40 1.39
N HIS A 58 -10.99 -17.32 1.75
CA HIS A 58 -12.40 -17.20 1.45
C HIS A 58 -12.58 -17.03 -0.07
N ARG A 59 -13.62 -17.65 -0.62
CA ARG A 59 -13.83 -17.67 -2.11
C ARG A 59 -15.23 -17.20 -2.50
N TYR A 60 -15.28 -16.36 -3.54
CA TYR A 60 -16.47 -15.80 -4.01
C TYR A 60 -17.18 -16.83 -4.89
N ASP A 61 -18.45 -17.02 -4.61
CA ASP A 61 -19.29 -18.06 -5.28
C ASP A 61 -20.46 -17.33 -5.94
N SER A 62 -20.31 -17.08 -7.25
CA SER A 62 -21.32 -16.34 -7.99
C SER A 62 -22.73 -16.99 -7.92
N SER A 63 -22.76 -18.31 -7.82
CA SER A 63 -24.02 -19.07 -7.89
C SER A 63 -24.88 -18.96 -6.62
N LYS A 64 -24.32 -18.43 -5.54
CA LYS A 64 -25.09 -18.12 -4.33
C LYS A 64 -25.52 -16.68 -4.27
N SER A 65 -25.15 -15.87 -5.25
CA SER A 65 -25.50 -14.45 -5.23
C SER A 65 -26.57 -14.09 -6.24
N SER A 66 -27.67 -13.55 -5.73
CA SER A 66 -28.77 -13.15 -6.58
C SER A 66 -28.49 -11.87 -7.36
N THR A 67 -27.41 -11.13 -7.05
CA THR A 67 -27.08 -9.88 -7.73
C THR A 67 -25.87 -10.04 -8.66
N TYR A 68 -25.31 -11.23 -8.75
CA TYR A 68 -24.21 -11.54 -9.62
C TYR A 68 -24.62 -11.30 -11.08
N GLU A 69 -23.71 -10.71 -11.85
CA GLU A 69 -23.90 -10.57 -13.30
C GLU A 69 -22.62 -11.09 -13.99
N ALA A 70 -22.79 -11.93 -15.01
CA ALA A 70 -21.66 -12.46 -15.74
C ALA A 70 -20.97 -11.41 -16.58
N ASP A 71 -19.69 -11.62 -16.81
CA ASP A 71 -18.91 -10.79 -17.75
C ASP A 71 -17.97 -11.77 -18.46
N GLY A 72 -17.00 -12.31 -17.75
CA GLY A 72 -16.14 -13.37 -18.28
C GLY A 72 -14.91 -12.94 -19.07
N ARG A 73 -14.62 -11.64 -19.19
CA ARG A 73 -13.36 -11.26 -19.79
C ARG A 73 -12.25 -11.75 -18.94
N ASN A 74 -11.18 -12.15 -19.59
CA ASN A 74 -10.03 -12.61 -18.85
C ASN A 74 -9.11 -11.52 -18.37
N PHE A 75 -8.49 -11.72 -17.23
CA PHE A 75 -7.44 -10.81 -16.79
C PHE A 75 -6.23 -11.54 -16.25
N THR A 76 -5.12 -10.81 -16.23
CA THR A 76 -3.88 -11.19 -15.62
C THR A 76 -3.26 -9.98 -14.89
N ILE A 77 -2.69 -10.25 -13.73
CA ILE A 77 -1.91 -9.29 -12.95
C ILE A 77 -0.68 -9.98 -12.42
N VAL A 78 0.48 -9.33 -12.53
CA VAL A 78 1.70 -9.89 -11.95
C VAL A 78 2.07 -9.14 -10.66
N TYR A 79 2.49 -9.90 -9.64
CA TYR A 79 2.99 -9.37 -8.35
C TYR A 79 4.35 -10.01 -7.95
N GLY A 80 5.40 -9.72 -8.73
CA GLY A 80 6.75 -10.24 -8.49
C GLY A 80 6.86 -11.75 -8.66
N SER A 81 6.98 -12.46 -7.54
CA SER A 81 7.03 -13.92 -7.53
C SER A 81 5.69 -14.59 -7.84
N GLY A 82 4.59 -13.88 -7.65
CA GLY A 82 3.25 -14.40 -7.89
C GLY A 82 2.49 -13.60 -8.94
N ASN A 83 1.56 -14.27 -9.64
CA ASN A 83 0.59 -13.59 -10.51
C ASN A 83 -0.83 -14.09 -10.25
N VAL A 84 -1.78 -13.31 -10.72
CA VAL A 84 -3.19 -13.63 -10.50
C VAL A 84 -3.79 -13.64 -11.89
N GLU A 85 -4.55 -14.67 -12.20
CA GLU A 85 -5.26 -14.79 -13.47
C GLU A 85 -6.65 -15.25 -13.17
N GLY A 86 -7.58 -14.85 -14.03
CA GLY A 86 -8.93 -15.28 -13.90
C GLY A 86 -9.85 -14.57 -14.84
N PHE A 87 -11.08 -14.36 -14.42
CA PHE A 87 -12.09 -13.69 -15.23
C PHE A 87 -12.85 -12.64 -14.42
N ILE A 88 -13.44 -11.70 -15.14
CA ILE A 88 -14.26 -10.65 -14.51
C ILE A 88 -15.70 -11.07 -14.29
N SER A 89 -16.21 -10.72 -13.11
CA SER A 89 -17.65 -10.73 -12.87
C SER A 89 -18.11 -9.38 -12.31
N LYS A 90 -19.42 -9.21 -12.17
CA LYS A 90 -19.96 -8.04 -11.52
C LYS A 90 -20.89 -8.44 -10.36
N ASP A 91 -20.86 -7.66 -9.31
CA ASP A 91 -21.80 -7.90 -8.19
C ASP A 91 -21.79 -6.70 -7.28
N VAL A 92 -22.69 -6.72 -6.31
CA VAL A 92 -22.76 -5.68 -5.31
C VAL A 92 -21.52 -5.77 -4.40
N CYS A 93 -20.90 -4.62 -4.16
CA CYS A 93 -19.72 -4.57 -3.32
C CYS A 93 -20.06 -3.70 -2.13
N ARG A 94 -19.94 -4.27 -0.93
CA ARG A 94 -20.32 -3.57 0.30
C ARG A 94 -19.07 -3.17 1.10
N ILE A 95 -18.92 -1.88 1.29
CA ILE A 95 -17.83 -1.32 2.03
C ILE A 95 -18.47 -0.54 3.17
N GLY A 96 -18.35 -1.10 4.37
CA GLY A 96 -19.08 -0.58 5.53
C GLY A 96 -20.54 -0.52 5.14
N SER A 97 -21.16 0.64 5.35
CA SER A 97 -22.56 0.82 5.06
C SER A 97 -22.82 1.20 3.59
N ALA A 98 -21.78 1.42 2.79
CA ALA A 98 -21.97 1.72 1.38
C ALA A 98 -22.24 0.45 0.55
N LYS A 99 -23.05 0.59 -0.48
CA LYS A 99 -23.46 -0.49 -1.37
C LYS A 99 -23.13 -0.04 -2.77
N VAL A 100 -22.07 -0.59 -3.34
CA VAL A 100 -21.68 -0.21 -4.70
C VAL A 100 -22.34 -1.24 -5.62
N SER A 101 -23.28 -0.85 -6.45
CA SER A 101 -23.95 -1.84 -7.29
C SER A 101 -23.16 -2.03 -8.57
N GLY A 102 -23.21 -3.24 -9.09
CA GLY A 102 -22.66 -3.48 -10.43
C GLY A 102 -21.16 -3.30 -10.46
N GLN A 103 -20.48 -3.60 -9.35
CA GLN A 103 -19.03 -3.43 -9.27
C GLN A 103 -18.28 -4.61 -9.96
N PRO A 104 -17.39 -4.33 -10.92
CA PRO A 104 -16.60 -5.41 -11.49
C PRO A 104 -15.57 -5.95 -10.51
N LEU A 105 -15.40 -7.27 -10.45
CA LEU A 105 -14.37 -7.86 -9.68
C LEU A 105 -13.73 -8.98 -10.45
N GLY A 106 -12.44 -9.15 -10.25
CA GLY A 106 -11.74 -10.31 -10.80
C GLY A 106 -11.94 -11.52 -9.96
N GLU A 107 -12.52 -12.56 -10.54
CA GLU A 107 -12.53 -13.89 -9.93
C GLU A 107 -11.24 -14.60 -10.28
N ALA A 108 -10.37 -14.79 -9.28
CA ALA A 108 -9.05 -15.33 -9.49
C ALA A 108 -9.16 -16.84 -9.55
N LEU A 109 -8.75 -17.38 -10.69
CA LEU A 109 -8.76 -18.82 -10.98
C LEU A 109 -7.42 -19.43 -10.67
N VAL A 110 -6.36 -18.65 -10.83
CA VAL A 110 -5.02 -19.00 -10.41
C VAL A 110 -4.43 -17.84 -9.62
N VAL A 111 -3.80 -18.13 -8.48
CA VAL A 111 -3.02 -17.15 -7.73
C VAL A 111 -1.53 -17.56 -7.60
N GLY A 112 -0.66 -16.56 -7.48
CA GLY A 112 0.79 -16.72 -7.44
C GLY A 112 1.40 -17.51 -6.29
N GLY A 113 2.66 -17.91 -6.47
CA GLY A 113 3.29 -18.94 -5.64
C GLY A 113 4.10 -18.44 -4.46
N GLU A 114 3.72 -18.91 -3.27
CA GLU A 114 4.49 -18.78 -1.99
C GLU A 114 4.66 -17.36 -1.46
N SER A 115 5.09 -16.43 -2.33
CA SER A 115 5.04 -15.00 -2.03
C SER A 115 3.66 -14.57 -1.51
N LEU A 116 2.61 -14.84 -2.28
CA LEU A 116 1.22 -14.51 -1.86
C LEU A 116 0.60 -15.56 -0.92
N LEU A 117 1.28 -16.68 -0.74
CA LEU A 117 0.70 -17.84 -0.09
C LEU A 117 0.41 -17.62 1.38
N GLU A 118 1.24 -16.81 2.03
CA GLU A 118 1.03 -16.50 3.45
C GLU A 118 0.11 -15.27 3.69
N ALA A 119 -0.62 -14.81 2.67
CA ALA A 119 -1.45 -13.65 2.87
C ALA A 119 -2.52 -13.88 3.94
N PRO A 120 -2.61 -12.98 4.95
CA PRO A 120 -3.71 -13.01 5.90
C PRO A 120 -5.00 -12.35 5.33
N PHE A 121 -4.89 -11.76 4.14
CA PHE A 121 -6.02 -11.25 3.37
C PHE A 121 -6.44 -12.22 2.23
N ASP A 122 -7.67 -12.08 1.76
CA ASP A 122 -8.14 -12.87 0.63
C ASP A 122 -7.78 -12.25 -0.72
N GLY A 123 -8.03 -10.95 -0.89
CA GLY A 123 -7.68 -10.31 -2.18
C GLY A 123 -7.31 -8.85 -2.00
N ILE A 124 -7.42 -8.10 -3.09
CA ILE A 124 -6.90 -6.72 -3.13
C ILE A 124 -7.97 -5.83 -3.66
N LEU A 125 -8.17 -4.67 -3.02
CA LEU A 125 -9.06 -3.65 -3.46
C LEU A 125 -8.25 -2.41 -3.79
N GLY A 126 -8.08 -2.17 -5.08
CA GLY A 126 -7.26 -1.10 -5.53
C GLY A 126 -7.98 0.25 -5.47
N LEU A 127 -7.22 1.26 -5.06
CA LEU A 127 -7.71 2.65 -4.87
C LEU A 127 -6.99 3.68 -5.72
N ALA A 128 -6.26 3.22 -6.73
CA ALA A 128 -5.55 4.14 -7.62
C ALA A 128 -6.49 4.59 -8.77
N TYR A 129 -5.92 5.30 -9.74
CA TYR A 129 -6.70 5.82 -10.87
C TYR A 129 -7.03 4.77 -11.90
N PRO A 130 -8.12 4.95 -12.62
CA PRO A 130 -8.54 3.92 -13.59
C PRO A 130 -7.60 3.61 -14.74
N SER A 131 -6.65 4.50 -15.04
CA SER A 131 -5.65 4.25 -16.09
C SER A 131 -4.80 3.00 -15.80
N ILE A 132 -4.67 2.56 -14.53
CA ILE A 132 -3.84 1.37 -14.26
C ILE A 132 -4.69 0.11 -13.97
N ALA A 133 -5.98 0.18 -14.16
CA ALA A 133 -6.86 -0.96 -14.01
C ALA A 133 -6.78 -1.90 -15.20
N VAL A 134 -6.91 -3.19 -14.93
CA VAL A 134 -6.98 -4.12 -16.08
C VAL A 134 -8.26 -3.91 -16.82
N ASP A 135 -8.25 -4.28 -18.10
CA ASP A 135 -9.40 -4.01 -18.97
C ASP A 135 -10.61 -4.76 -18.44
N GLY A 136 -11.74 -4.05 -18.41
CA GLY A 136 -13.00 -4.58 -17.85
C GLY A 136 -13.31 -4.25 -16.38
N VAL A 137 -12.37 -3.59 -15.70
CA VAL A 137 -12.54 -3.20 -14.30
C VAL A 137 -12.63 -1.66 -14.16
N VAL A 138 -13.70 -1.17 -13.54
CA VAL A 138 -13.80 0.23 -13.11
C VAL A 138 -13.51 0.15 -11.62
N PRO A 139 -12.51 0.91 -11.12
CA PRO A 139 -12.21 0.80 -9.71
C PRO A 139 -13.36 1.18 -8.79
N VAL A 140 -13.36 0.55 -7.63
CA VAL A 140 -14.38 0.72 -6.63
C VAL A 140 -14.64 2.18 -6.34
N PHE A 141 -13.60 2.97 -6.10
CA PHE A 141 -13.83 4.33 -5.65
C PHE A 141 -14.47 5.15 -6.77
N ASP A 142 -14.08 4.90 -8.01
CA ASP A 142 -14.70 5.52 -9.17
C ASP A 142 -16.18 5.23 -9.22
N ASN A 143 -16.54 4.00 -8.96
CA ASN A 143 -17.97 3.67 -8.91
C ASN A 143 -18.71 4.31 -7.73
N MET A 144 -18.01 4.45 -6.59
CA MET A 144 -18.58 5.20 -5.47
C MET A 144 -18.89 6.63 -5.88
N MET A 145 -17.96 7.24 -6.59
CA MET A 145 -18.16 8.60 -7.09
C MET A 145 -19.33 8.69 -8.09
N LYS A 146 -19.38 7.73 -9.01
CA LYS A 146 -20.39 7.77 -10.07
C LYS A 146 -21.78 7.59 -9.53
N GLN A 147 -21.88 6.74 -8.52
CA GLN A 147 -23.15 6.45 -7.85
C GLN A 147 -23.51 7.46 -6.76
N GLY A 148 -22.67 8.47 -6.55
CA GLY A 148 -22.92 9.54 -5.59
C GLY A 148 -22.98 9.07 -4.14
N LEU A 149 -22.16 8.11 -3.78
CA LEU A 149 -22.22 7.52 -2.45
C LEU A 149 -21.39 8.30 -1.39
N LEU A 150 -20.70 9.34 -1.81
CA LEU A 150 -19.74 10.05 -0.94
C LEU A 150 -20.23 11.43 -0.55
N GLY A 151 -21.50 11.72 -0.86
CA GLY A 151 -22.07 13.03 -0.53
C GLY A 151 -21.30 14.22 -1.09
N GLU A 152 -20.74 14.06 -2.28
CA GLU A 152 -19.95 15.07 -2.96
C GLU A 152 -18.61 15.42 -2.30
N GLN A 153 -18.10 14.61 -1.39
CA GLN A 153 -16.69 14.81 -1.00
C GLN A 153 -15.93 13.60 -1.44
N ASN A 154 -15.33 13.76 -2.59
CA ASN A 154 -14.78 12.61 -3.29
C ASN A 154 -13.32 12.47 -2.93
N VAL A 155 -13.11 12.18 -1.66
CA VAL A 155 -11.78 11.90 -1.12
C VAL A 155 -11.89 10.62 -0.30
N PHE A 156 -10.77 9.99 0.01
CA PHE A 156 -10.72 9.04 1.10
C PHE A 156 -9.43 9.29 1.89
N SER A 157 -9.49 8.93 3.16
CA SER A 157 -8.39 9.20 4.10
C SER A 157 -7.93 7.95 4.82
N VAL A 158 -6.61 7.82 5.00
CA VAL A 158 -6.00 6.63 5.52
C VAL A 158 -5.11 6.94 6.76
N TYR A 159 -5.41 6.20 7.84
CA TYR A 159 -4.73 6.28 9.11
C TYR A 159 -4.27 4.86 9.39
N LEU A 160 -2.98 4.70 9.61
CA LEU A 160 -2.37 3.42 9.96
C LEU A 160 -1.87 3.44 11.40
N ASN A 161 -2.31 2.47 12.19
CA ASN A 161 -1.78 2.22 13.57
C ASN A 161 -0.72 1.13 13.57
N ARG A 162 0.54 1.54 13.80
CA ARG A 162 1.71 0.62 13.87
C ARG A 162 1.90 -0.03 15.25
N ASP A 163 1.24 0.51 16.26
CA ASP A 163 1.39 0.03 17.63
C ASP A 163 0.93 -1.43 17.69
N PRO A 164 1.89 -2.39 17.75
CA PRO A 164 1.50 -3.80 17.72
C PRO A 164 0.96 -4.29 19.08
N SER A 165 0.84 -3.41 20.06
CA SER A 165 0.11 -3.66 21.30
C SER A 165 -1.37 -3.23 21.27
N SER A 166 -1.79 -2.53 20.20
CA SER A 166 -3.20 -2.11 20.03
C SER A 166 -4.05 -3.18 19.38
N LYS A 167 -5.37 -3.03 19.51
CA LYS A 167 -6.32 -3.78 18.70
C LYS A 167 -6.35 -3.18 17.27
N GLU A 168 -6.78 -1.92 17.16
CA GLU A 168 -6.84 -1.18 15.90
C GLU A 168 -5.56 -1.30 15.03
N GLY A 169 -5.76 -1.51 13.74
CA GLY A 169 -4.69 -1.31 12.76
C GLY A 169 -4.87 0.01 11.99
N GLY A 170 -5.95 0.70 12.22
CA GLY A 170 -6.23 1.98 11.59
C GLY A 170 -7.55 1.92 10.85
N GLU A 171 -7.68 2.75 9.81
CA GLU A 171 -8.91 2.80 9.06
C GLU A 171 -8.73 3.46 7.73
N VAL A 172 -9.68 3.15 6.84
CA VAL A 172 -9.90 3.92 5.66
C VAL A 172 -11.24 4.59 5.79
N LEU A 173 -11.27 5.89 5.61
CA LEU A 173 -12.50 6.63 5.65
C LEU A 173 -12.83 7.09 4.23
N PHE A 174 -13.93 6.59 3.70
CA PHE A 174 -14.40 7.03 2.41
C PHE A 174 -15.35 8.24 2.55
N GLY A 175 -15.09 9.25 1.77
CA GLY A 175 -15.94 10.44 1.77
C GLY A 175 -15.72 11.36 2.96
N GLY A 176 -14.56 11.28 3.60
CA GLY A 176 -14.33 12.09 4.77
C GLY A 176 -12.85 12.28 5.06
N ILE A 177 -12.59 13.35 5.79
CA ILE A 177 -11.27 13.65 6.39
C ILE A 177 -11.58 13.83 7.87
N ASP A 178 -11.02 12.95 8.73
CA ASP A 178 -11.24 13.02 10.17
C ASP A 178 -10.08 13.78 10.91
N HIS A 179 -10.37 15.01 11.34
CA HIS A 179 -9.40 15.81 12.10
C HIS A 179 -9.06 15.21 13.45
N ASP A 180 -9.84 14.24 13.92
CA ASP A 180 -9.48 13.55 15.17
C ASP A 180 -8.35 12.56 14.97
N HIS A 181 -7.92 12.31 13.73
CA HIS A 181 -6.66 11.54 13.49
C HIS A 181 -5.48 12.36 13.05
N TYR A 182 -5.55 13.68 13.07
CA TYR A 182 -4.38 14.48 12.76
C TYR A 182 -4.27 15.78 13.56
N LYS A 183 -3.06 16.29 13.67
CA LYS A 183 -2.80 17.59 14.28
C LYS A 183 -2.03 18.49 13.32
N GLY A 184 -2.05 19.77 13.59
CA GLY A 184 -1.45 20.70 12.69
C GLY A 184 -2.29 20.88 11.45
N SER A 185 -1.65 21.21 10.35
CA SER A 185 -2.39 21.41 9.14
C SER A 185 -1.97 20.39 8.08
N ILE A 186 -2.83 20.23 7.08
CA ILE A 186 -2.53 19.31 5.98
C ILE A 186 -1.68 20.04 4.98
N THR A 187 -0.63 19.38 4.52
CA THR A 187 0.12 19.77 3.33
C THR A 187 -0.34 18.96 2.11
N TYR A 188 -0.84 19.66 1.14
CA TYR A 188 -1.29 19.05 -0.10
C TYR A 188 -0.15 19.17 -1.12
N VAL A 189 -0.09 18.17 -1.99
CA VAL A 189 0.82 18.15 -3.16
C VAL A 189 -0.03 17.70 -4.36
N PRO A 190 0.15 18.31 -5.53
CA PRO A 190 -0.65 17.88 -6.69
C PRO A 190 -0.21 16.55 -7.26
N VAL A 191 -1.14 15.79 -7.80
CA VAL A 191 -0.85 14.54 -8.50
C VAL A 191 -0.20 14.89 -9.84
N THR A 192 0.98 14.35 -10.11
CA THR A 192 1.74 14.66 -11.35
C THR A 192 1.50 13.74 -12.51
N ALA A 193 0.98 12.54 -12.22
CA ALA A 193 0.66 11.51 -13.25
C ALA A 193 -0.50 10.68 -12.67
N LYS A 194 -1.63 10.69 -13.37
CA LYS A 194 -2.87 10.05 -12.87
C LYS A 194 -2.83 8.61 -13.20
N GLY A 195 -2.23 7.84 -12.29
CA GLY A 195 -2.20 6.39 -12.43
C GLY A 195 -2.11 5.78 -11.04
N TYR A 196 -0.88 5.66 -10.56
CA TYR A 196 -0.63 5.72 -9.13
C TYR A 196 -1.03 7.08 -8.59
N TRP A 197 -1.06 7.17 -7.27
CA TRP A 197 -1.13 8.47 -6.59
C TRP A 197 0.26 9.06 -6.54
N GLN A 198 0.65 9.68 -7.65
CA GLN A 198 2.04 10.02 -7.92
C GLN A 198 2.19 11.54 -7.85
N PHE A 199 3.29 11.97 -7.25
CA PHE A 199 3.55 13.38 -6.93
C PHE A 199 5.05 13.64 -6.89
N HIS A 200 5.42 14.92 -6.91
CA HIS A 200 6.84 15.34 -6.91
C HIS A 200 7.35 15.48 -5.50
N VAL A 201 8.56 15.00 -5.28
CA VAL A 201 9.31 15.15 -4.03
C VAL A 201 10.49 16.05 -4.29
N ASP A 202 10.75 16.97 -3.36
CA ASP A 202 11.78 18.02 -3.54
C ASP A 202 13.19 17.52 -3.21
N GLY A 203 13.30 16.66 -2.20
CA GLY A 203 14.59 16.06 -1.84
C GLY A 203 14.43 15.00 -0.77
N VAL A 204 15.48 14.22 -0.59
CA VAL A 204 15.57 13.23 0.48
C VAL A 204 16.88 13.43 1.19
N LYS A 205 16.85 13.49 2.50
CA LYS A 205 18.13 13.62 3.24
C LYS A 205 18.22 12.96 4.59
N SER A 206 19.46 12.72 5.02
CA SER A 206 19.70 12.24 6.38
C SER A 206 21.00 12.88 6.90
N VAL A 207 20.97 13.29 8.18
CA VAL A 207 22.18 13.84 8.88
C VAL A 207 22.59 13.00 10.08
N SER A 208 23.65 12.20 9.93
CA SER A 208 24.11 11.32 10.99
C SER A 208 24.86 12.09 12.06
N ALA A 209 24.67 11.64 13.30
CA ALA A 209 25.51 12.07 14.43
C ALA A 209 26.97 11.66 14.30
N SER A 210 27.25 10.51 13.68
CA SER A 210 28.61 10.00 13.58
C SER A 210 29.14 9.97 12.14
N LYS A 211 28.72 10.95 11.35
CA LYS A 211 29.27 11.13 10.03
C LYS A 211 29.50 12.60 9.93
N SER A 212 30.45 12.99 9.08
CA SER A 212 30.87 14.38 8.98
C SER A 212 30.12 15.15 7.91
N ALA A 213 29.43 14.48 6.99
CA ALA A 213 28.63 15.15 5.97
C ALA A 213 27.20 14.54 6.03
N PRO A 214 26.21 15.33 5.59
CA PRO A 214 24.89 14.76 5.40
C PRO A 214 24.80 13.92 4.14
N GLU A 215 23.76 13.10 4.10
CA GLU A 215 23.45 12.26 2.95
C GLU A 215 22.36 12.97 2.22
N LEU A 216 22.64 13.41 1.00
CA LEU A 216 21.70 14.20 0.22
C LEU A 216 21.34 13.44 -1.04
N LEU A 217 20.05 13.09 -1.16
CA LEU A 217 19.53 12.35 -2.29
C LEU A 217 18.37 13.09 -2.96
N CYS A 218 17.95 12.60 -4.12
CA CYS A 218 16.87 13.27 -4.85
C CYS A 218 17.21 14.78 -4.96
N LYS A 219 18.47 15.09 -5.24
CA LYS A 219 18.92 16.49 -5.15
C LYS A 219 18.31 17.38 -6.25
N ASP A 220 17.84 16.81 -7.34
CA ASP A 220 17.11 17.58 -8.38
C ASP A 220 15.61 17.39 -8.33
N GLY A 221 15.08 16.84 -7.25
CA GLY A 221 13.70 16.46 -7.21
C GLY A 221 13.53 15.07 -7.82
N CYS A 222 12.42 14.43 -7.44
CA CYS A 222 12.13 13.09 -7.91
C CYS A 222 10.64 12.84 -7.81
N GLU A 223 10.21 11.72 -8.36
CA GLU A 223 8.78 11.34 -8.34
C GLU A 223 8.55 10.27 -7.30
N ALA A 224 7.36 10.29 -6.68
CA ALA A 224 7.04 9.32 -5.67
C ALA A 224 5.60 8.97 -5.78
N ILE A 225 5.24 7.85 -5.15
CA ILE A 225 3.83 7.50 -5.02
C ILE A 225 3.54 7.22 -3.60
N ALA A 226 2.28 7.36 -3.24
CA ALA A 226 1.81 6.99 -1.92
C ALA A 226 1.08 5.67 -2.05
N ASN A 227 1.64 4.60 -1.46
CA ASN A 227 1.18 3.24 -1.71
C ASN A 227 0.88 2.51 -0.43
N THR A 228 -0.40 2.47 -0.07
CA THR A 228 -0.79 1.78 1.13
C THR A 228 -0.58 0.26 1.11
N GLY A 229 -0.46 -0.35 -0.06
CA GLY A 229 -0.26 -1.77 -0.21
C GLY A 229 1.16 -2.32 -0.22
N THR A 230 2.13 -1.44 -0.01
CA THR A 230 3.55 -1.80 0.10
C THR A 230 3.96 -1.49 1.54
N SER A 231 4.72 -2.38 2.17
CA SER A 231 5.09 -2.12 3.55
C SER A 231 6.27 -1.14 3.70
N LEU A 232 7.29 -1.36 2.89
CA LEU A 232 8.54 -0.61 2.98
C LEU A 232 8.50 0.64 2.10
N ILE A 233 9.54 1.45 2.19
CA ILE A 233 9.77 2.51 1.23
C ILE A 233 10.74 1.96 0.22
N THR A 234 10.43 2.09 -1.07
CA THR A 234 11.30 1.64 -2.14
C THR A 234 11.78 2.85 -2.90
N GLY A 235 12.97 2.78 -3.46
CA GLY A 235 13.41 3.87 -4.31
C GLY A 235 14.39 3.39 -5.32
N PRO A 236 14.89 4.32 -6.16
CA PRO A 236 15.90 3.94 -7.14
C PRO A 236 17.06 3.21 -6.45
N PRO A 237 17.47 2.04 -6.98
CA PRO A 237 18.50 1.20 -6.35
C PRO A 237 19.78 1.92 -5.92
N GLU A 238 20.25 2.81 -6.75
CA GLU A 238 21.54 3.48 -6.46
C GLU A 238 21.40 4.46 -5.29
N GLU A 239 20.25 5.14 -5.22
CA GLU A 239 19.99 6.12 -4.16
C GLU A 239 19.80 5.38 -2.83
N VAL A 240 19.03 4.31 -2.88
CA VAL A 240 18.76 3.55 -1.65
CA VAL A 240 18.75 3.53 -1.67
C VAL A 240 20.01 2.79 -1.15
N ASP A 241 20.84 2.33 -2.08
CA ASP A 241 22.16 1.70 -1.75
CA ASP A 241 22.08 1.69 -1.61
C ASP A 241 22.96 2.70 -0.90
N SER A 242 23.03 3.90 -1.42
CA SER A 242 23.73 5.00 -0.79
C SER A 242 23.14 5.36 0.60
N LEU A 243 21.82 5.50 0.67
CA LEU A 243 21.20 5.81 1.94
C LEU A 243 21.52 4.70 2.96
N ASN A 244 21.29 3.46 2.57
CA ASN A 244 21.49 2.34 3.54
C ASN A 244 22.93 2.16 3.94
N GLN A 245 23.84 2.46 3.01
CA GLN A 245 25.26 2.56 3.39
C GLN A 245 25.55 3.61 4.42
N TYR A 246 24.99 4.79 4.23
CA TYR A 246 25.09 5.86 5.21
C TYR A 246 24.60 5.48 6.59
N LEU A 247 23.54 4.66 6.62
CA LEU A 247 22.95 4.21 7.85
C LEU A 247 23.63 3.02 8.51
N GLY A 248 24.55 2.38 7.79
CA GLY A 248 25.28 1.20 8.25
C GLY A 248 24.60 -0.13 8.00
N GLY A 249 23.79 -0.14 6.92
CA GLY A 249 23.06 -1.32 6.46
C GLY A 249 23.89 -2.17 5.53
N THR A 250 23.57 -3.46 5.51
CA THR A 250 24.26 -4.44 4.67
C THR A 250 23.25 -5.04 3.74
N LYS A 251 23.55 -5.08 2.46
CA LYS A 251 22.59 -5.61 1.48
C LYS A 251 22.56 -7.13 1.53
N THR A 252 21.35 -7.68 1.58
CA THR A 252 21.11 -9.05 1.16
C THR A 252 19.62 -9.36 1.38
N GLU A 253 18.90 -9.98 0.42
CA GLU A 253 19.30 -10.23 -0.98
C GLU A 253 18.11 -10.01 -1.93
N GLY A 254 17.12 -9.23 -1.54
CA GLY A 254 16.06 -8.83 -2.49
C GLY A 254 15.93 -7.33 -2.70
N GLY A 255 17.05 -6.62 -2.60
CA GLY A 255 17.01 -5.16 -2.47
C GLY A 255 16.78 -4.67 -1.05
N GLN A 256 16.62 -5.59 -0.11
CA GLN A 256 16.55 -5.26 1.34
C GLN A 256 17.94 -5.13 1.97
N TYR A 257 18.00 -4.43 3.10
CA TYR A 257 19.21 -4.17 3.82
C TYR A 257 18.98 -4.46 5.28
N LEU A 258 20.02 -5.04 5.89
CA LEU A 258 20.02 -5.39 7.30
C LEU A 258 20.91 -4.43 8.08
N LEU A 259 20.45 -4.08 9.26
CA LEU A 259 21.16 -3.22 10.20
C LEU A 259 21.54 -4.06 11.41
N ASP A 260 22.62 -3.69 12.06
CA ASP A 260 23.08 -4.40 13.26
C ASP A 260 22.14 -4.02 14.39
N CYS A 261 21.45 -5.01 14.95
CA CYS A 261 20.44 -4.78 15.98
C CYS A 261 21.00 -4.15 17.26
N ASP A 262 22.31 -4.28 17.47
CA ASP A 262 23.01 -3.67 18.60
C ASP A 262 23.52 -2.26 18.35
N LYS A 263 23.32 -1.73 17.14
CA LYS A 263 23.76 -0.37 16.79
C LYS A 263 22.63 0.48 16.20
N LEU A 264 21.42 0.32 16.74
CA LEU A 264 20.28 1.10 16.26
C LEU A 264 20.09 2.42 17.01
N GLU A 265 20.80 2.59 18.12
CA GLU A 265 20.38 3.62 19.10
CA GLU A 265 20.42 3.60 19.13
C GLU A 265 20.59 5.06 18.66
N SER A 266 21.52 5.31 17.75
CA SER A 266 21.79 6.68 17.30
CA SER A 266 21.77 6.69 17.32
C SER A 266 21.51 6.87 15.82
N LEU A 267 20.68 6.00 15.22
CA LEU A 267 20.40 6.14 13.77
C LEU A 267 19.64 7.44 13.53
N PRO A 268 19.99 8.14 12.46
CA PRO A 268 19.42 9.44 12.25
C PRO A 268 18.03 9.39 11.59
N ASN A 269 17.33 10.51 11.66
CA ASN A 269 16.11 10.67 10.86
C ASN A 269 16.43 10.65 9.36
N VAL A 270 15.45 10.22 8.55
CA VAL A 270 15.49 10.34 7.07
C VAL A 270 14.31 11.22 6.73
N THR A 271 14.59 12.33 6.05
CA THR A 271 13.65 13.41 5.80
C THR A 271 13.35 13.59 4.30
N PHE A 272 12.06 13.49 3.99
CA PHE A 272 11.51 13.74 2.68
C PHE A 272 10.92 15.13 2.65
N THR A 273 11.35 15.94 1.69
CA THR A 273 10.77 17.28 1.51
C THR A 273 9.72 17.28 0.40
N ILE A 274 8.50 17.68 0.74
CA ILE A 274 7.34 17.62 -0.13
C ILE A 274 6.60 18.94 0.00
N SER A 275 6.30 19.56 -1.15
CA SER A 275 5.64 20.89 -1.17
C SER A 275 6.37 21.84 -0.20
N GLY A 276 7.71 21.73 -0.21
CA GLY A 276 8.59 22.52 0.62
C GLY A 276 8.62 22.30 2.11
N LYS A 277 7.94 21.25 2.61
CA LYS A 277 7.87 20.96 4.04
C LYS A 277 8.59 19.65 4.32
N GLU A 278 9.17 19.56 5.51
CA GLU A 278 9.98 18.38 5.88
C GLU A 278 9.14 17.34 6.57
N PHE A 279 9.12 16.15 5.98
CA PHE A 279 8.50 14.94 6.55
C PHE A 279 9.60 14.03 7.03
N SER A 280 9.86 14.06 8.34
CA SER A 280 11.03 13.39 8.88
C SER A 280 10.70 12.07 9.55
N LEU A 281 11.21 10.97 9.03
CA LEU A 281 11.06 9.66 9.62
C LEU A 281 12.10 9.34 10.66
N ARG A 282 11.64 8.96 11.84
CA ARG A 282 12.54 8.50 12.92
C ARG A 282 12.95 7.06 12.71
N SER A 283 14.17 6.73 13.16
CA SER A 283 14.60 5.35 13.13
C SER A 283 13.59 4.40 13.82
N LYS A 284 12.86 4.90 14.81
CA LYS A 284 11.82 4.08 15.44
C LYS A 284 10.66 3.78 14.48
N ASP A 285 10.50 4.64 13.46
CA ASP A 285 9.55 4.47 12.35
C ASP A 285 10.05 3.60 11.26
N TYR A 286 11.33 3.67 10.91
CA TYR A 286 11.80 3.01 9.74
C TYR A 286 12.58 1.71 9.91
N VAL A 287 12.90 1.30 11.15
CA VAL A 287 13.57 0.03 11.36
C VAL A 287 12.51 -1.03 11.71
N LEU A 288 12.51 -2.14 10.96
CA LEU A 288 11.56 -3.23 11.21
C LEU A 288 12.29 -4.39 11.86
N LYS A 289 11.80 -4.82 13.01
CA LYS A 289 12.49 -5.90 13.73
C LYS A 289 11.66 -7.11 13.42
N VAL A 290 12.27 -8.05 12.72
CA VAL A 290 11.55 -9.19 12.19
C VAL A 290 12.24 -10.44 12.67
N ASN A 291 11.44 -11.47 12.91
CA ASN A 291 11.94 -12.79 13.29
C ASN A 291 11.79 -13.71 12.08
N GLN A 292 12.87 -14.38 11.68
CA GLN A 292 12.94 -15.09 10.41
C GLN A 292 13.97 -16.20 10.41
N GLN A 293 13.53 -17.43 10.08
CA GLN A 293 14.34 -18.66 10.24
C GLN A 293 14.90 -18.78 11.65
N GLY A 294 14.09 -18.36 12.63
CA GLY A 294 14.49 -18.32 14.03
C GLY A 294 15.65 -17.38 14.29
N GLN A 295 15.72 -16.31 13.49
CA GLN A 295 16.67 -15.23 13.69
C GLN A 295 15.85 -14.01 14.08
N THR A 296 16.54 -13.04 14.66
CA THR A 296 15.99 -11.72 14.99
C THR A 296 16.74 -10.69 14.11
N LEU A 297 16.03 -10.11 13.16
CA LEU A 297 16.69 -9.29 12.11
C LEU A 297 16.16 -7.89 12.15
N CYS A 298 17.05 -6.91 11.99
CA CYS A 298 16.64 -5.50 11.97
C CYS A 298 16.74 -5.06 10.53
N VAL A 299 15.59 -4.91 9.92
CA VAL A 299 15.48 -4.63 8.52
C VAL A 299 15.30 -3.13 8.32
N SER A 300 16.12 -2.60 7.42
CA SER A 300 15.89 -1.25 6.96
C SER A 300 14.54 -1.11 6.24
N GLY A 301 13.84 -0.03 6.55
CA GLY A 301 12.59 0.34 5.89
C GLY A 301 12.77 0.89 4.47
N PHE A 302 14.01 0.99 4.02
CA PHE A 302 14.32 1.48 2.66
C PHE A 302 14.90 0.37 1.84
N MET A 303 14.24 0.04 0.72
CA MET A 303 14.73 -0.97 -0.19
C MET A 303 14.76 -0.49 -1.65
N GLY A 304 15.70 -1.04 -2.39
CA GLY A 304 15.94 -0.72 -3.79
C GLY A 304 14.94 -1.46 -4.65
N LEU A 305 14.35 -0.74 -5.59
CA LEU A 305 13.44 -1.37 -6.55
C LEU A 305 13.48 -0.60 -7.86
N GLU A 306 14.01 -1.27 -8.88
CA GLU A 306 14.19 -0.72 -10.22
C GLU A 306 12.83 -0.59 -10.89
N MET A 307 12.49 0.63 -11.28
CA MET A 307 11.21 0.91 -11.93
C MET A 307 11.52 1.30 -13.39
N PRO A 308 10.51 1.19 -14.29
CA PRO A 308 10.70 1.64 -15.66
C PRO A 308 11.29 3.06 -15.70
N GLN A 309 10.62 3.99 -15.02
CA GLN A 309 11.15 5.32 -14.75
C GLN A 309 11.37 5.42 -13.22
N PRO A 310 12.49 6.03 -12.79
CA PRO A 310 12.82 5.98 -11.37
C PRO A 310 11.78 6.67 -10.49
N LEU A 311 11.46 6.01 -9.39
CA LEU A 311 10.30 6.38 -8.62
C LEU A 311 10.51 5.93 -7.20
N TRP A 312 10.15 6.78 -6.25
CA TRP A 312 10.09 6.35 -4.84
C TRP A 312 8.68 5.80 -4.48
N ILE A 313 8.57 4.64 -3.86
CA ILE A 313 7.25 4.14 -3.44
C ILE A 313 7.22 4.43 -1.95
N LEU A 314 6.38 5.36 -1.52
CA LEU A 314 6.22 5.67 -0.14
C LEU A 314 5.13 4.77 0.45
N GLY A 315 5.58 3.62 0.92
CA GLY A 315 4.74 2.62 1.56
C GLY A 315 4.41 2.90 3.01
N ASP A 316 3.97 1.84 3.70
CA ASP A 316 3.45 1.95 5.04
C ASP A 316 4.47 2.55 6.02
N VAL A 317 5.75 2.31 5.79
CA VAL A 317 6.82 2.93 6.59
C VAL A 317 6.70 4.44 6.60
N PHE A 318 6.47 4.99 5.41
CA PHE A 318 6.28 6.43 5.30
C PHE A 318 4.93 6.85 5.81
N LEU A 319 3.88 6.11 5.46
CA LEU A 319 2.53 6.56 5.71
C LEU A 319 2.13 6.50 7.22
N GLY A 320 2.72 5.58 7.97
CA GLY A 320 2.38 5.38 9.39
C GLY A 320 2.33 6.62 10.26
N PRO A 321 3.40 7.43 10.25
CA PRO A 321 3.40 8.68 11.03
C PRO A 321 2.48 9.78 10.48
N TYR A 322 1.90 9.55 9.31
CA TYR A 322 1.08 10.55 8.66
C TYR A 322 -0.41 10.08 8.53
N TYR A 323 -1.28 11.07 8.54
CA TYR A 323 -2.64 10.87 8.08
C TYR A 323 -2.60 11.31 6.63
N THR A 324 -3.14 10.48 5.74
CA THR A 324 -3.06 10.75 4.32
C THR A 324 -4.42 10.85 3.65
N ILE A 325 -4.59 11.90 2.85
CA ILE A 325 -5.84 12.23 2.18
C ILE A 325 -5.59 12.07 0.68
N PHE A 326 -6.40 11.24 0.07
CA PHE A 326 -6.37 11.01 -1.35
C PHE A 326 -7.59 11.70 -1.94
N ASP A 327 -7.36 12.74 -2.72
CA ASP A 327 -8.46 13.68 -3.08
C ASP A 327 -8.66 13.65 -4.59
N ARG A 328 -9.75 13.00 -5.00
CA ARG A 328 -10.14 12.94 -6.40
C ARG A 328 -10.88 14.18 -6.93
N ASP A 329 -11.41 15.00 -6.02
CA ASP A 329 -12.02 16.28 -6.44
C ASP A 329 -10.99 17.24 -6.95
N GLN A 330 -9.81 17.22 -6.33
CA GLN A 330 -8.73 18.15 -6.69
C GLN A 330 -7.44 17.48 -7.19
N ASP A 331 -7.45 16.14 -7.35
CA ASP A 331 -6.26 15.38 -7.85
C ASP A 331 -5.03 15.83 -7.08
N ARG A 332 -5.11 15.60 -5.80
CA ARG A 332 -4.04 15.97 -4.88
C ARG A 332 -3.96 14.97 -3.72
N VAL A 333 -2.78 14.92 -3.09
CA VAL A 333 -2.54 14.11 -1.91
C VAL A 333 -2.15 15.02 -0.80
N GLY A 334 -2.79 14.77 0.34
CA GLY A 334 -2.59 15.51 1.56
C GLY A 334 -1.93 14.65 2.64
N PHE A 335 -1.01 15.28 3.36
CA PHE A 335 -0.32 14.68 4.50
C PHE A 335 -0.35 15.61 5.71
N ALA A 336 -0.65 15.01 6.82
CA ALA A 336 -0.58 15.69 8.13
C ALA A 336 -0.03 14.75 9.20
N GLU A 337 0.59 15.34 10.22
CA GLU A 337 1.08 14.57 11.36
CA GLU A 337 1.09 14.55 11.34
C GLU A 337 -0.09 13.85 12.01
N VAL A 338 0.08 12.56 12.25
CA VAL A 338 -0.95 11.71 12.82
C VAL A 338 -1.17 12.12 14.29
N ALA A 339 -2.42 12.02 14.75
CA ALA A 339 -2.79 12.35 16.12
C ALA A 339 -3.03 11.01 16.78
N ALA B 1 -20.07 9.88 4.90
CA ALA B 1 -18.77 9.18 4.99
C ALA B 1 -18.93 7.79 5.57
N PHE B 2 -18.02 6.89 5.25
CA PHE B 2 -18.04 5.59 5.84
C PHE B 2 -16.65 5.05 6.09
N ARG B 3 -16.59 4.36 7.21
CA ARG B 3 -15.36 4.04 7.91
C ARG B 3 -15.16 2.54 7.73
N ILE B 4 -13.97 2.11 7.31
CA ILE B 4 -13.55 0.72 7.37
C ILE B 4 -12.40 0.55 8.34
N PRO B 5 -12.50 -0.40 9.29
CA PRO B 5 -11.35 -0.68 10.14
C PRO B 5 -10.32 -1.54 9.45
N LEU B 6 -9.06 -1.20 9.67
CA LEU B 6 -7.94 -1.95 9.17
C LEU B 6 -7.33 -2.78 10.27
N THR B 7 -6.86 -3.94 9.88
CA THR B 7 -6.01 -4.77 10.70
C THR B 7 -4.60 -4.77 10.16
N ARG B 8 -3.60 -4.71 11.06
CA ARG B 8 -2.20 -4.80 10.67
C ARG B 8 -1.74 -6.26 10.67
#